data_4XYI
#
_entry.id   4XYI
#
_cell.length_a   136.226
_cell.length_b   136.226
_cell.length_c   65.536
_cell.angle_alpha   90.00
_cell.angle_beta   90.00
_cell.angle_gamma   120.00
#
_symmetry.space_group_name_H-M   'P 65'
#
loop_
_entity.id
_entity.type
_entity.pdbx_description
1 polymer 'Kinetochore protein Mis16'
2 polymer 'Histone H4'
#
loop_
_entity_poly.entity_id
_entity_poly.type
_entity_poly.pdbx_seq_one_letter_code
_entity_poly.pdbx_strand_id
1 'polypeptide(L)'
;SNAMQPSENVEEEKQELSEVDLEKKIQEEYKLWKQNVPFLYDLVITEALEWPSLTVEWFPGSERSLADNSSIQKLLLGTQ
TSGNDQNYLQVASVQLPTFDDDLDDLTPSKMKPANFKGDYGLDIVQKIHHEGDVNKARFMPQNPDIIATLGLNGNGYIFD
LNLYREQPIVQTGHQACLRHHTSEGFGLGWNFIQEGTLATGTEDTSICVWDIKGKSLSLEKSIDVAPVSVYHRHTAVVND
LQFHLQHEALLTSVSDDCTLQIHDTRLPSSSSASQCVKAHEQPVNGVAFNPFNDYLLATASADHTVALWDLRRLNQRLHT
LEGHEDEVYNVQWSPHDEPILVTSSTDRRVCVWDLSKIGEEQTVEDSEDGAPELMFMHGGHTNRVSDLSWNPNNKWVLAS
LADDNILQIWSPSKVIWASDSLKIDSKDLE
;
A
2 'polypeptide(L)'
;MSGRGKGGKGLGKGGAKRHRKILRDNIQGITKPAIRRLARRGGVKRISALVYDETRAVLKLFLENVIRDAVTYTEHAKRK
TVTSLDVVYALKRQGRTIYGFGG
;
B
#
# COMPACT_ATOMS: atom_id res chain seq x y z
N SER A 18 -23.94 16.12 7.57
CA SER A 18 -24.69 14.99 7.08
C SER A 18 -24.27 14.67 5.66
N GLU A 19 -24.78 13.57 5.12
CA GLU A 19 -24.29 13.13 3.84
C GLU A 19 -24.52 14.10 2.70
N VAL A 20 -25.73 14.64 2.58
CA VAL A 20 -26.00 15.55 1.47
C VAL A 20 -25.21 16.83 1.58
N ASP A 21 -25.17 17.34 2.79
CA ASP A 21 -24.39 18.51 3.11
C ASP A 21 -22.96 18.12 2.84
N LEU A 22 -22.62 16.91 3.21
CA LEU A 22 -21.26 16.48 3.08
C LEU A 22 -20.76 16.43 1.65
N GLU A 23 -21.54 15.89 0.74
CA GLU A 23 -21.03 15.69 -0.60
C GLU A 23 -20.73 17.03 -1.21
N LYS A 24 -21.64 17.98 -1.02
CA LYS A 24 -21.51 19.23 -1.75
C LYS A 24 -20.21 19.84 -1.34
N LYS A 25 -19.90 19.74 -0.07
CA LYS A 25 -18.65 20.26 0.42
C LYS A 25 -17.54 19.50 -0.28
N ILE A 26 -17.75 18.21 -0.45
CA ILE A 26 -16.68 17.36 -0.90
C ILE A 26 -16.17 17.78 -2.25
N GLN A 27 -17.08 18.07 -3.17
CA GLN A 27 -16.65 18.35 -4.51
C GLN A 27 -16.20 19.76 -4.47
N GLU A 28 -17.11 20.59 -4.05
CA GLU A 28 -16.84 22.00 -4.28
C GLU A 28 -15.37 22.27 -3.98
N GLU A 29 -14.85 21.70 -2.89
CA GLU A 29 -13.43 21.88 -2.69
C GLU A 29 -12.65 20.96 -3.68
N TYR A 30 -13.29 19.93 -4.24
CA TYR A 30 -12.58 19.13 -5.25
C TYR A 30 -12.17 19.96 -6.47
N LYS A 31 -13.10 20.73 -6.98
CA LYS A 31 -12.75 21.44 -8.16
C LYS A 31 -12.03 22.76 -7.82
N LEU A 32 -12.17 23.22 -6.56
CA LEU A 32 -11.15 24.15 -6.06
C LEU A 32 -9.72 23.53 -6.15
N TRP A 33 -9.65 22.21 -5.95
CA TRP A 33 -8.38 21.53 -6.07
C TRP A 33 -7.83 21.49 -7.50
N LYS A 34 -8.66 21.12 -8.48
CA LYS A 34 -8.23 21.33 -9.89
C LYS A 34 -7.67 22.71 -10.23
N GLN A 35 -8.49 23.68 -9.88
CA GLN A 35 -8.13 25.08 -10.00
C GLN A 35 -6.69 25.27 -9.52
N ASN A 36 -6.40 24.72 -8.34
CA ASN A 36 -5.05 24.75 -7.78
C ASN A 36 -3.97 23.82 -8.40
N VAL A 37 -4.38 22.80 -9.16
CA VAL A 37 -3.46 21.75 -9.63
C VAL A 37 -2.20 22.22 -10.38
N PRO A 38 -2.35 23.18 -11.34
CA PRO A 38 -1.19 23.52 -12.19
C PRO A 38 -0.01 24.09 -11.43
N PHE A 39 -0.29 24.74 -10.29
CA PHE A 39 0.75 25.22 -9.36
C PHE A 39 1.32 24.10 -8.49
N LEU A 40 0.46 23.16 -8.08
CA LEU A 40 0.83 22.11 -7.11
C LEU A 40 1.45 20.84 -7.70
N TYR A 41 0.97 20.42 -8.87
CA TYR A 41 1.43 19.16 -9.42
C TYR A 41 2.22 19.42 -10.68
N ASP A 42 3.26 18.63 -10.88
CA ASP A 42 3.91 18.59 -12.19
C ASP A 42 3.16 17.59 -13.08
N LEU A 43 2.42 16.67 -12.46
CA LEU A 43 1.66 15.67 -13.21
C LEU A 43 0.40 15.23 -12.47
N VAL A 44 -0.69 15.06 -13.21
CA VAL A 44 -1.95 14.52 -12.67
C VAL A 44 -2.69 13.75 -13.75
N ILE A 45 -2.72 12.44 -13.61
CA ILE A 45 -3.48 11.57 -14.49
C ILE A 45 -4.62 11.01 -13.67
N THR A 46 -5.83 11.07 -14.22
CA THR A 46 -7.02 10.59 -13.54
C THR A 46 -7.78 9.57 -14.37
N GLU A 47 -8.06 8.41 -13.77
CA GLU A 47 -8.86 7.40 -14.44
C GLU A 47 -10.03 6.94 -13.59
N ALA A 48 -11.18 6.79 -14.24
CA ALA A 48 -12.32 6.12 -13.62
C ALA A 48 -12.29 4.67 -14.07
N LEU A 49 -12.39 3.76 -13.12
CA LEU A 49 -12.33 2.34 -13.43
C LEU A 49 -13.74 1.79 -13.54
N GLU A 50 -13.94 0.66 -14.22
CA GLU A 50 -15.29 0.11 -14.27
C GLU A 50 -15.71 -0.24 -12.87
N TRP A 51 -14.88 -1.01 -12.18
CA TRP A 51 -15.09 -1.45 -10.81
C TRP A 51 -14.03 -0.82 -9.92
N PRO A 52 -14.20 -0.86 -8.58
CA PRO A 52 -13.10 -0.30 -7.81
C PRO A 52 -11.87 -1.20 -7.80
N SER A 53 -10.77 -0.69 -7.25
CA SER A 53 -9.60 -1.52 -6.99
C SER A 53 -9.17 -1.25 -5.57
N LEU A 54 -8.83 -2.31 -4.84
CA LEU A 54 -8.34 -2.13 -3.48
C LEU A 54 -6.81 -2.28 -3.43
N THR A 55 -6.18 -2.46 -4.58
CA THR A 55 -4.77 -2.80 -4.62
C THR A 55 -4.06 -2.20 -5.84
N VAL A 56 -2.91 -1.59 -5.59
CA VAL A 56 -2.09 -1.05 -6.66
C VAL A 56 -0.59 -1.17 -6.35
N GLU A 57 0.21 -1.45 -7.37
CA GLU A 57 1.64 -1.62 -7.22
C GLU A 57 2.31 -1.42 -8.57
N TRP A 58 3.23 -0.46 -8.67
CA TRP A 58 3.99 -0.25 -9.88
C TRP A 58 4.89 -1.43 -10.17
N PHE A 59 4.97 -1.85 -11.42
CA PHE A 59 5.98 -2.82 -11.78
C PHE A 59 7.28 -2.07 -11.97
N PRO A 60 8.41 -2.74 -11.68
CA PRO A 60 9.73 -2.16 -11.98
C PRO A 60 9.95 -2.13 -13.49
N GLY A 61 10.85 -1.28 -13.98
CA GLY A 61 11.16 -1.27 -15.40
C GLY A 61 10.33 -0.29 -16.19
N SER A 62 10.85 0.17 -17.34
CA SER A 62 10.05 1.02 -18.23
C SER A 62 10.46 0.83 -19.67
N GLU A 63 9.51 1.05 -20.59
CA GLU A 63 9.79 1.04 -22.02
C GLU A 63 9.73 2.47 -22.58
N ARG A 64 10.38 2.71 -23.73
CA ARG A 64 10.29 4.00 -24.43
C ARG A 64 9.63 3.83 -25.78
N SER A 70 9.77 10.35 -21.91
CA SER A 70 8.47 9.76 -22.24
C SER A 70 8.36 8.23 -22.19
N SER A 71 8.50 7.63 -21.01
CA SER A 71 8.40 6.18 -20.90
C SER A 71 6.96 5.73 -20.66
N ILE A 72 6.70 4.45 -20.92
CA ILE A 72 5.45 3.79 -20.53
C ILE A 72 5.76 2.73 -19.48
N GLN A 73 4.95 2.71 -18.42
CA GLN A 73 5.23 1.84 -17.27
C GLN A 73 4.02 0.99 -16.92
N LYS A 74 4.20 0.04 -16.02
CA LYS A 74 3.13 -0.90 -15.72
C LYS A 74 2.69 -0.92 -14.26
N LEU A 75 1.39 -1.08 -14.09
CA LEU A 75 0.73 -1.13 -12.81
C LEU A 75 -0.01 -2.43 -12.64
N LEU A 76 0.07 -2.97 -11.43
CA LEU A 76 -0.73 -4.11 -11.01
C LEU A 76 -2.01 -3.56 -10.40
N LEU A 77 -3.14 -4.17 -10.73
CA LEU A 77 -4.45 -3.72 -10.25
C LEU A 77 -5.39 -4.89 -10.01
N GLY A 78 -6.59 -4.59 -9.53
CA GLY A 78 -7.59 -5.61 -9.26
C GLY A 78 -9.01 -5.07 -9.40
N THR A 79 -9.99 -5.93 -9.11
CA THR A 79 -11.40 -5.58 -9.24
C THR A 79 -12.13 -5.92 -7.96
N GLN A 80 -13.19 -5.16 -7.67
CA GLN A 80 -13.99 -5.43 -6.48
C GLN A 80 -15.47 -5.56 -6.85
N THR A 81 -15.81 -6.65 -7.53
CA THR A 81 -17.16 -6.84 -8.07
C THR A 81 -18.21 -7.08 -6.99
N SER A 82 -17.77 -7.62 -5.86
CA SER A 82 -18.64 -7.89 -4.71
C SER A 82 -19.66 -8.97 -5.03
N GLY A 83 -19.26 -9.93 -5.86
CA GLY A 83 -20.14 -11.05 -6.20
C GLY A 83 -20.93 -10.81 -7.46
N ASN A 84 -21.09 -9.55 -7.83
CA ASN A 84 -21.92 -9.16 -8.98
C ASN A 84 -21.44 -9.62 -10.35
N ASP A 85 -20.15 -9.52 -10.62
CA ASP A 85 -19.63 -10.07 -11.86
C ASP A 85 -18.29 -10.73 -11.60
N GLN A 86 -17.67 -11.25 -12.65
CA GLN A 86 -16.38 -11.92 -12.54
C GLN A 86 -15.24 -10.92 -12.20
N ASN A 87 -14.37 -11.33 -11.26
CA ASN A 87 -13.25 -10.49 -10.83
C ASN A 87 -11.99 -10.67 -11.68
N TYR A 88 -11.16 -9.61 -11.73
CA TYR A 88 -9.93 -9.64 -12.53
C TYR A 88 -8.71 -9.10 -11.80
N LEU A 89 -7.66 -9.89 -11.80
CA LEU A 89 -6.31 -9.38 -11.61
C LEU A 89 -5.92 -8.66 -12.89
N GLN A 90 -5.47 -7.42 -12.80
CA GLN A 90 -5.29 -6.62 -14.01
C GLN A 90 -3.90 -6.05 -14.18
N VAL A 91 -3.35 -6.12 -15.39
CA VAL A 91 -2.15 -5.33 -15.65
C VAL A 91 -2.47 -4.15 -16.57
N ALA A 92 -2.17 -2.93 -16.09
CA ALA A 92 -2.40 -1.67 -16.82
C ALA A 92 -1.09 -1.00 -17.18
N SER A 93 -1.05 -0.34 -18.34
CA SER A 93 0.13 0.44 -18.70
C SER A 93 -0.21 1.93 -18.72
N VAL A 94 0.72 2.74 -18.24
CA VAL A 94 0.52 4.18 -18.20
C VAL A 94 1.53 4.91 -19.09
N GLN A 95 1.07 6.03 -19.62
CA GLN A 95 1.84 6.99 -20.40
C GLN A 95 2.47 8.03 -19.46
N LEU A 96 3.79 7.93 -19.26
CA LEU A 96 4.50 8.81 -18.32
C LEU A 96 5.58 9.68 -18.95
N PRO A 97 5.64 10.97 -18.53
CA PRO A 97 6.75 11.83 -18.94
C PRO A 97 7.97 11.66 -18.04
N TYR A 120 -1.56 12.20 -21.82
CA TYR A 120 -0.88 11.35 -20.84
C TYR A 120 -1.85 10.35 -20.23
N GLY A 121 -2.27 9.35 -21.01
CA GLY A 121 -3.29 8.40 -20.56
C GLY A 121 -2.81 7.14 -19.86
N LEU A 122 -3.72 6.16 -19.74
CA LEU A 122 -3.38 4.81 -19.30
C LEU A 122 -4.51 3.81 -19.59
N ASP A 123 -4.11 2.61 -20.00
CA ASP A 123 -5.04 1.59 -20.44
C ASP A 123 -4.75 0.25 -19.80
N ILE A 124 -5.80 -0.58 -19.65
CA ILE A 124 -5.65 -1.95 -19.14
C ILE A 124 -5.32 -2.88 -20.29
N VAL A 125 -4.23 -3.62 -20.17
CA VAL A 125 -3.73 -4.40 -21.30
C VAL A 125 -3.82 -5.89 -21.02
N GLN A 126 -4.07 -6.26 -19.77
CA GLN A 126 -4.30 -7.68 -19.51
C GLN A 126 -5.28 -7.88 -18.36
N LYS A 127 -6.17 -8.85 -18.53
CA LYS A 127 -7.07 -9.23 -17.45
C LYS A 127 -7.01 -10.72 -17.21
N ILE A 128 -6.60 -11.10 -16.01
CA ILE A 128 -6.61 -12.50 -15.60
C ILE A 128 -7.81 -12.70 -14.69
N HIS A 129 -8.49 -13.84 -14.85
CA HIS A 129 -9.64 -14.22 -14.02
C HIS A 129 -9.25 -14.41 -12.54
N HIS A 130 -10.13 -14.00 -11.63
CA HIS A 130 -9.80 -14.03 -10.20
C HIS A 130 -11.00 -14.42 -9.33
N GLU A 131 -10.75 -15.33 -8.38
CA GLU A 131 -11.77 -15.81 -7.45
C GLU A 131 -12.00 -14.83 -6.31
N GLY A 132 -13.06 -14.05 -6.41
CA GLY A 132 -13.35 -13.06 -5.40
C GLY A 132 -12.58 -11.78 -5.62
N ASP A 133 -12.86 -10.78 -4.80
CA ASP A 133 -12.26 -9.50 -4.97
C ASP A 133 -10.80 -9.67 -4.80
N VAL A 134 -10.02 -8.86 -5.48
CA VAL A 134 -8.59 -8.97 -5.36
C VAL A 134 -8.31 -8.12 -4.18
N ASN A 135 -8.22 -8.74 -3.04
CA ASN A 135 -8.06 -8.02 -1.80
C ASN A 135 -6.75 -7.26 -1.74
N LYS A 136 -5.70 -7.89 -2.20
CA LYS A 136 -4.46 -7.20 -2.40
C LYS A 136 -3.65 -8.10 -3.28
N ALA A 137 -2.74 -7.53 -4.04
CA ALA A 137 -1.96 -8.27 -5.01
C ALA A 137 -0.55 -7.70 -5.06
N ARG A 138 0.45 -8.56 -4.97
CA ARG A 138 1.85 -8.12 -4.97
C ARG A 138 2.68 -9.03 -5.84
N PHE A 139 3.59 -8.45 -6.62
CA PHE A 139 4.53 -9.28 -7.37
C PHE A 139 5.74 -9.69 -6.55
N MET A 140 6.29 -10.85 -6.90
CA MET A 140 7.53 -11.39 -6.33
C MET A 140 8.70 -10.45 -6.66
N PRO A 141 9.45 -10.03 -5.65
CA PRO A 141 10.51 -9.05 -5.93
C PRO A 141 11.64 -9.61 -6.80
N GLN A 142 11.93 -10.89 -6.65
CA GLN A 142 12.86 -11.56 -7.55
C GLN A 142 12.34 -11.65 -8.97
N ASN A 143 11.06 -11.94 -9.13
CA ASN A 143 10.50 -12.12 -10.43
C ASN A 143 9.12 -11.54 -10.54
N PRO A 144 9.05 -10.26 -11.11
CA PRO A 144 7.71 -9.68 -11.04
C PRO A 144 6.69 -10.42 -11.86
N ASP A 145 7.12 -11.39 -12.62
CA ASP A 145 6.18 -12.21 -13.36
C ASP A 145 5.24 -12.94 -12.42
N ILE A 146 5.74 -13.39 -11.28
CA ILE A 146 5.00 -14.12 -10.26
C ILE A 146 4.16 -13.19 -9.41
N ILE A 147 2.86 -13.46 -9.36
CA ILE A 147 2.00 -12.61 -8.56
C ILE A 147 1.31 -13.40 -7.46
N ALA A 148 1.23 -12.81 -6.27
CA ALA A 148 0.44 -13.38 -5.19
C ALA A 148 -0.76 -12.49 -4.92
N THR A 149 -1.90 -13.10 -4.61
CA THR A 149 -3.12 -12.38 -4.29
C THR A 149 -3.78 -12.98 -3.07
N LEU A 150 -4.64 -12.21 -2.44
CA LEU A 150 -5.47 -12.71 -1.39
C LEU A 150 -6.83 -12.63 -1.99
N GLY A 151 -7.51 -13.76 -2.07
CA GLY A 151 -8.74 -13.83 -2.82
C GLY A 151 -9.93 -14.09 -1.96
N LEU A 152 -10.95 -14.70 -2.54
CA LEU A 152 -12.18 -14.95 -1.81
C LEU A 152 -11.96 -15.88 -0.67
N ASN A 153 -12.62 -15.61 0.44
CA ASN A 153 -12.65 -16.53 1.55
C ASN A 153 -11.31 -16.87 2.10
N GLY A 154 -10.38 -15.95 2.00
CA GLY A 154 -9.06 -16.12 2.57
C GLY A 154 -8.05 -16.91 1.77
N ASN A 155 -8.40 -17.30 0.56
CA ASN A 155 -7.47 -18.04 -0.25
C ASN A 155 -6.35 -17.27 -0.83
N GLY A 156 -5.17 -17.84 -0.78
CA GLY A 156 -4.02 -17.25 -1.42
C GLY A 156 -4.03 -17.71 -2.86
N TYR A 157 -3.54 -16.89 -3.79
CA TYR A 157 -3.44 -17.35 -5.18
C TYR A 157 -2.09 -16.98 -5.78
N ILE A 158 -1.57 -17.87 -6.63
CA ILE A 158 -0.35 -17.55 -7.38
C ILE A 158 -0.58 -17.61 -8.90
N PHE A 159 -0.30 -16.48 -9.52
CA PHE A 159 -0.39 -16.30 -10.96
C PHE A 159 0.98 -16.24 -11.61
N ASP A 160 1.14 -16.94 -12.73
CA ASP A 160 2.37 -16.78 -13.49
C ASP A 160 2.05 -16.06 -14.80
N LEU A 161 2.56 -14.83 -14.93
CA LEU A 161 2.26 -14.03 -16.12
C LEU A 161 3.05 -14.48 -17.35
N ASN A 162 4.25 -15.02 -17.15
CA ASN A 162 5.03 -15.64 -18.22
C ASN A 162 4.25 -16.73 -19.01
N LEU A 163 3.30 -17.37 -18.38
CA LEU A 163 2.46 -18.34 -19.04
C LEU A 163 1.55 -17.76 -20.11
N TYR A 164 1.11 -16.53 -19.94
CA TYR A 164 0.24 -15.91 -20.92
C TYR A 164 0.67 -14.50 -21.29
N ARG A 165 1.81 -14.37 -21.95
CA ARG A 165 2.32 -13.06 -22.28
C ARG A 165 1.44 -12.27 -23.22
N GLU A 166 0.94 -12.93 -24.25
CA GLU A 166 0.24 -12.24 -25.34
C GLU A 166 -1.27 -12.00 -25.13
N GLN A 167 -1.92 -12.85 -24.35
CA GLN A 167 -3.38 -12.82 -24.20
C GLN A 167 -3.91 -11.60 -23.45
N PRO A 168 -4.81 -10.82 -24.08
CA PRO A 168 -5.64 -9.76 -23.47
C PRO A 168 -6.42 -10.23 -22.25
N ILE A 169 -7.14 -11.34 -22.38
CA ILE A 169 -7.91 -11.88 -21.27
C ILE A 169 -7.53 -13.32 -20.98
N VAL A 170 -7.09 -13.58 -19.75
CA VAL A 170 -6.82 -14.95 -19.34
C VAL A 170 -7.98 -15.50 -18.49
N GLN A 171 -8.75 -16.42 -19.07
CA GLN A 171 -9.87 -17.02 -18.33
C GLN A 171 -9.37 -18.13 -17.45
N THR A 172 -8.28 -18.79 -17.87
CA THR A 172 -7.73 -19.91 -17.11
C THR A 172 -7.67 -19.65 -15.61
N GLY A 173 -7.20 -18.44 -15.27
CA GLY A 173 -7.10 -17.99 -13.89
C GLY A 173 -5.77 -18.37 -13.24
N HIS A 174 -5.83 -18.70 -11.95
CA HIS A 174 -4.62 -18.88 -11.15
C HIS A 174 -3.92 -20.22 -11.34
N GLN A 175 -2.64 -20.24 -10.98
CA GLN A 175 -1.81 -21.41 -11.23
C GLN A 175 -1.67 -22.17 -9.94
N ALA A 176 -1.99 -21.49 -8.85
CA ALA A 176 -1.91 -22.15 -7.56
C ALA A 176 -2.90 -21.55 -6.58
N CYS A 177 -3.38 -22.38 -5.65
CA CYS A 177 -4.21 -21.88 -4.55
C CYS A 177 -3.63 -22.23 -3.17
N LEU A 178 -3.16 -21.19 -2.47
CA LEU A 178 -2.69 -21.29 -1.09
C LEU A 178 -3.85 -21.50 -0.10
N ARG A 179 -3.85 -22.71 0.50
CA ARG A 179 -4.96 -23.34 1.26
C ARG A 179 -5.65 -22.61 2.44
N HIS A 180 -4.87 -22.39 3.49
CA HIS A 180 -5.30 -22.32 4.89
C HIS A 180 -6.37 -21.34 5.46
N HIS A 181 -6.41 -20.07 5.05
CA HIS A 181 -7.28 -19.10 5.76
C HIS A 181 -8.75 -19.39 5.57
N THR A 182 -9.56 -18.84 6.45
CA THR A 182 -10.98 -19.17 6.52
C THR A 182 -11.83 -17.90 6.53
N SER A 183 -11.18 -16.74 6.51
CA SER A 183 -11.90 -15.49 6.31
C SER A 183 -11.05 -14.67 5.35
N GLU A 184 -11.54 -13.52 4.91
CA GLU A 184 -10.81 -12.75 3.91
C GLU A 184 -9.93 -11.70 4.57
N GLY A 185 -8.78 -11.43 3.96
CA GLY A 185 -7.81 -10.51 4.53
C GLY A 185 -7.09 -9.60 3.54
N PHE A 186 -6.17 -8.81 4.05
CA PHE A 186 -5.42 -7.88 3.23
C PHE A 186 -3.95 -8.02 3.55
N GLY A 187 -3.59 -8.81 4.51
CA GLY A 187 -2.20 -8.84 4.82
C GLY A 187 -1.51 -9.80 3.92
N LEU A 188 -0.68 -9.27 3.04
CA LEU A 188 0.10 -10.08 2.13
C LEU A 188 1.49 -9.54 2.00
N GLY A 189 2.49 -10.40 2.03
CA GLY A 189 3.86 -9.95 1.86
C GLY A 189 4.80 -11.00 1.36
N TRP A 190 5.84 -10.59 0.67
CA TRP A 190 6.77 -11.47 -0.02
C TRP A 190 8.09 -11.31 0.68
N ASN A 191 8.96 -12.30 0.59
CA ASN A 191 10.24 -12.27 1.29
C ASN A 191 11.36 -11.82 0.36
N PHE A 192 12.10 -10.81 0.76
CA PHE A 192 13.10 -10.27 -0.14
C PHE A 192 14.39 -11.06 -0.20
N ILE A 193 14.77 -11.70 0.90
CA ILE A 193 15.97 -12.51 0.87
C ILE A 193 15.68 -13.94 0.38
N GLN A 194 14.59 -14.54 0.86
CA GLN A 194 14.27 -15.90 0.44
C GLN A 194 13.30 -15.93 -0.75
N GLU A 195 13.83 -16.24 -1.93
CA GLU A 195 13.02 -16.41 -3.13
C GLU A 195 11.89 -17.44 -2.93
N GLY A 196 10.67 -17.01 -3.18
CA GLY A 196 9.53 -17.92 -3.19
C GLY A 196 8.77 -18.06 -1.88
N THR A 197 9.24 -17.34 -0.85
CA THR A 197 8.57 -17.37 0.45
C THR A 197 7.73 -16.12 0.70
N LEU A 198 6.50 -16.30 1.18
CA LEU A 198 5.59 -15.18 1.44
C LEU A 198 4.70 -15.38 2.65
N ALA A 199 4.19 -14.29 3.21
CA ALA A 199 3.31 -14.38 4.39
C ALA A 199 1.93 -13.77 4.12
N THR A 200 0.89 -14.41 4.70
CA THR A 200 -0.48 -13.90 4.57
C THR A 200 -1.09 -13.65 5.96
N GLY A 201 -1.97 -12.66 6.05
CA GLY A 201 -2.65 -12.33 7.31
C GLY A 201 -4.10 -11.88 7.10
N THR A 202 -4.99 -12.35 7.97
CA THR A 202 -6.41 -12.34 7.65
C THR A 202 -7.34 -11.97 8.81
N GLU A 203 -8.63 -11.77 8.49
CA GLU A 203 -9.64 -11.62 9.52
C GLU A 203 -9.76 -12.86 10.42
N ASP A 204 -9.19 -13.99 10.01
CA ASP A 204 -9.24 -15.16 10.88
C ASP A 204 -8.18 -15.04 12.01
N THR A 205 -7.41 -13.97 11.89
CA THR A 205 -6.37 -13.54 12.86
C THR A 205 -5.07 -14.36 12.78
N SER A 206 -5.00 -15.33 11.86
CA SER A 206 -3.77 -16.11 11.77
C SER A 206 -2.76 -15.41 10.86
N ILE A 207 -1.52 -15.89 10.90
CA ILE A 207 -0.53 -15.53 9.88
C ILE A 207 0.00 -16.83 9.30
N CYS A 208 -0.03 -16.97 7.97
CA CYS A 208 0.51 -18.16 7.35
C CYS A 208 1.78 -17.83 6.63
N VAL A 209 2.73 -18.76 6.61
CA VAL A 209 3.95 -18.57 5.85
C VAL A 209 4.09 -19.69 4.84
N TRP A 210 4.20 -19.30 3.56
CA TRP A 210 4.21 -20.19 2.40
C TRP A 210 5.56 -20.20 1.68
N ASP A 211 5.88 -21.34 1.07
CA ASP A 211 7.07 -21.49 0.23
C ASP A 211 6.74 -22.14 -1.13
N ILE A 212 6.65 -21.34 -2.18
CA ILE A 212 6.31 -21.86 -3.49
C ILE A 212 7.52 -22.11 -4.35
N LYS A 213 8.70 -21.97 -3.77
CA LYS A 213 9.90 -22.14 -4.53
C LYS A 213 9.96 -23.55 -5.01
N GLY A 214 10.26 -23.71 -6.29
CA GLY A 214 10.47 -24.99 -6.88
C GLY A 214 9.22 -25.71 -7.31
N LYS A 215 8.08 -25.09 -7.14
CA LYS A 215 6.84 -25.76 -7.44
C LYS A 215 6.42 -25.37 -8.81
N SER A 216 6.27 -26.35 -9.69
CA SER A 216 5.99 -26.06 -11.07
C SER A 216 4.61 -25.53 -11.25
N LEU A 217 4.47 -24.53 -12.09
CA LEU A 217 3.14 -24.03 -12.44
C LEU A 217 2.89 -24.27 -13.92
N SER A 218 1.65 -24.56 -14.28
CA SER A 218 1.35 -24.82 -15.68
C SER A 218 -0.10 -24.48 -16.02
N LEU A 219 -0.34 -24.21 -17.30
CA LEU A 219 -1.68 -23.91 -17.76
C LEU A 219 -2.64 -25.10 -17.65
N GLU A 220 -2.09 -26.27 -17.35
CA GLU A 220 -2.85 -27.51 -17.20
C GLU A 220 -3.78 -27.55 -15.99
N LYS A 221 -3.23 -27.20 -14.83
CA LYS A 221 -3.85 -27.42 -13.52
C LYS A 221 -3.45 -26.32 -12.51
N SER A 222 -4.32 -26.09 -11.52
CA SER A 222 -3.98 -25.25 -10.38
C SER A 222 -3.63 -26.12 -9.20
N ILE A 223 -2.36 -26.12 -8.80
CA ILE A 223 -1.95 -26.91 -7.66
C ILE A 223 -2.52 -26.32 -6.37
N ASP A 224 -2.72 -27.16 -5.36
CA ASP A 224 -3.06 -26.69 -4.01
C ASP A 224 -1.77 -26.52 -3.17
N VAL A 225 -1.71 -25.51 -2.32
CA VAL A 225 -0.52 -25.30 -1.51
C VAL A 225 -0.83 -25.18 -0.03
N ALA A 226 -0.05 -25.87 0.79
CA ALA A 226 -0.24 -25.84 2.24
C ALA A 226 0.82 -24.99 2.90
N PRO A 227 0.43 -24.18 3.90
CA PRO A 227 1.40 -23.30 4.56
C PRO A 227 2.54 -24.08 5.19
N VAL A 228 3.74 -23.49 5.20
CA VAL A 228 4.88 -24.04 5.93
C VAL A 228 4.75 -23.71 7.43
N SER A 229 4.19 -22.54 7.74
CA SER A 229 3.94 -22.20 9.14
C SER A 229 2.57 -21.56 9.35
N VAL A 230 2.02 -21.73 10.54
CA VAL A 230 0.78 -21.03 10.92
C VAL A 230 0.86 -20.49 12.34
N TYR A 231 0.90 -19.17 12.44
CA TYR A 231 1.03 -18.46 13.71
C TYR A 231 -0.26 -17.82 14.19
N HIS A 232 -0.73 -18.23 15.37
CA HIS A 232 -1.84 -17.56 16.02
C HIS A 232 -1.32 -16.70 17.15
N ARG A 233 -1.10 -15.41 16.88
CA ARG A 233 -0.54 -14.53 17.89
C ARG A 233 -1.34 -13.24 18.00
N HIS A 234 -2.46 -13.17 17.29
CA HIS A 234 -3.33 -12.01 17.34
C HIS A 234 -4.73 -12.37 17.78
N THR A 235 -5.43 -11.40 18.34
CA THR A 235 -6.76 -11.64 18.87
C THR A 235 -7.81 -11.00 17.98
N ALA A 236 -7.32 -10.43 16.89
CA ALA A 236 -8.19 -9.82 15.88
C ALA A 236 -7.51 -9.87 14.52
N VAL A 237 -8.19 -9.36 13.51
CA VAL A 237 -7.67 -9.33 12.15
C VAL A 237 -6.20 -8.86 12.06
N VAL A 238 -5.37 -9.65 11.39
CA VAL A 238 -4.06 -9.19 10.95
C VAL A 238 -4.20 -8.25 9.74
N ASN A 239 -4.01 -6.96 9.97
CA ASN A 239 -4.25 -5.96 8.93
C ASN A 239 -3.14 -5.84 7.89
N ASP A 240 -1.90 -5.79 8.36
CA ASP A 240 -0.76 -5.76 7.46
C ASP A 240 0.37 -6.58 8.03
N LEU A 241 1.14 -7.22 7.16
CA LEU A 241 2.42 -7.78 7.56
C LEU A 241 3.48 -7.48 6.52
N GLN A 242 4.75 -7.54 6.92
CA GLN A 242 5.85 -7.29 5.98
C GLN A 242 7.15 -7.97 6.40
N PHE A 243 7.84 -8.57 5.43
CA PHE A 243 9.18 -9.10 5.67
C PHE A 243 10.21 -7.97 5.66
N HIS A 244 11.24 -8.13 6.49
CA HIS A 244 12.29 -7.12 6.58
C HIS A 244 13.19 -7.18 5.34
N LEU A 245 13.69 -6.02 4.91
CA LEU A 245 14.34 -5.97 3.62
C LEU A 245 15.66 -6.70 3.61
N GLN A 246 16.36 -6.72 4.74
CA GLN A 246 17.71 -7.23 4.74
C GLN A 246 17.88 -8.36 5.73
N HIS A 247 16.76 -8.96 6.11
CA HIS A 247 16.81 -10.15 6.95
C HIS A 247 15.80 -11.19 6.49
N GLU A 248 16.30 -12.42 6.39
CA GLU A 248 15.55 -13.54 5.88
C GLU A 248 14.34 -13.98 6.73
N ALA A 249 14.42 -13.84 8.05
CA ALA A 249 13.45 -14.47 8.94
C ALA A 249 12.55 -13.49 9.70
N LEU A 250 12.88 -12.21 9.64
CA LEU A 250 12.15 -11.20 10.39
C LEU A 250 10.85 -10.81 9.67
N LEU A 251 9.72 -11.04 10.33
CA LEU A 251 8.40 -10.72 9.77
C LEU A 251 7.54 -9.90 10.72
N THR A 252 7.19 -8.69 10.35
CA THR A 252 6.43 -7.83 11.28
C THR A 252 4.96 -7.86 10.94
N SER A 253 4.11 -7.69 11.95
CA SER A 253 2.67 -7.66 11.72
C SER A 253 1.99 -6.65 12.60
N VAL A 254 0.86 -6.13 12.14
CA VAL A 254 0.01 -5.31 12.98
C VAL A 254 -1.45 -5.73 12.87
N SER A 255 -2.24 -5.39 13.88
CA SER A 255 -3.61 -5.88 13.96
C SER A 255 -4.58 -4.90 14.58
N ASP A 256 -5.87 -5.23 14.49
CA ASP A 256 -6.90 -4.49 15.19
C ASP A 256 -6.79 -4.65 16.71
N ASP A 257 -5.99 -5.62 17.16
CA ASP A 257 -5.75 -5.76 18.59
C ASP A 257 -4.65 -4.82 19.09
N CYS A 258 -4.36 -3.79 18.30
CA CYS A 258 -3.49 -2.68 18.70
C CYS A 258 -2.04 -3.06 18.95
N THR A 259 -1.63 -4.23 18.49
CA THR A 259 -0.26 -4.67 18.70
C THR A 259 0.62 -4.51 17.47
N LEU A 260 1.88 -4.18 17.71
CA LEU A 260 2.95 -4.30 16.73
C LEU A 260 3.79 -5.49 17.13
N GLN A 261 3.83 -6.53 16.30
CA GLN A 261 4.61 -7.71 16.66
C GLN A 261 5.70 -8.03 15.62
N ILE A 262 6.71 -8.75 16.11
CA ILE A 262 7.90 -9.10 15.35
C ILE A 262 8.13 -10.60 15.49
N HIS A 263 7.99 -11.33 14.38
CA HIS A 263 8.09 -12.79 14.39
C HIS A 263 9.37 -13.27 13.74
N ASP A 264 9.96 -14.31 14.30
CA ASP A 264 11.10 -14.98 13.72
C ASP A 264 10.63 -16.27 13.07
N THR A 265 10.56 -16.28 11.74
CA THR A 265 9.88 -17.36 11.03
C THR A 265 10.68 -18.66 11.07
N ARG A 266 11.90 -18.60 11.58
CA ARG A 266 12.71 -19.80 11.81
C ARG A 266 12.15 -20.66 12.94
N LEU A 267 11.62 -20.00 13.96
CA LEU A 267 11.04 -20.70 15.11
C LEU A 267 9.64 -21.17 14.77
N PRO A 268 9.26 -22.36 15.27
CA PRO A 268 7.95 -22.98 15.05
C PRO A 268 6.83 -22.26 15.78
N SER A 269 5.59 -22.46 15.35
CA SER A 269 4.44 -21.80 15.97
C SER A 269 4.33 -22.06 17.47
N SER A 270 4.93 -23.16 17.93
CA SER A 270 5.09 -23.45 19.35
C SER A 270 5.68 -22.24 20.13
N SER A 271 6.62 -21.52 19.52
CA SER A 271 7.18 -20.30 20.13
C SER A 271 6.19 -19.13 20.09
N SER A 272 6.56 -18.04 20.77
CA SER A 272 5.74 -16.83 20.79
C SER A 272 6.35 -15.82 19.84
N ALA A 273 5.71 -14.68 19.68
CA ALA A 273 6.30 -13.61 18.88
C ALA A 273 7.58 -13.15 19.53
N SER A 274 8.59 -12.82 18.74
CA SER A 274 9.83 -12.33 19.33
C SER A 274 9.60 -10.98 20.02
N GLN A 275 8.80 -10.11 19.43
CA GLN A 275 8.42 -8.92 20.18
C GLN A 275 6.93 -8.67 20.02
N CYS A 276 6.26 -8.23 21.07
CA CYS A 276 4.90 -7.78 20.93
C CYS A 276 4.70 -6.58 21.82
N VAL A 277 4.41 -5.44 21.23
CA VAL A 277 4.17 -4.27 22.04
C VAL A 277 2.83 -3.68 21.66
N LYS A 278 2.16 -3.02 22.60
CA LYS A 278 1.02 -2.22 22.20
C LYS A 278 1.62 -1.09 21.37
N ALA A 279 0.99 -0.75 20.25
CA ALA A 279 1.56 0.26 19.37
C ALA A 279 0.72 1.52 19.42
N HIS A 280 -0.60 1.30 19.51
CA HIS A 280 -1.57 2.37 19.60
C HIS A 280 -2.71 1.93 20.52
N GLU A 281 -3.63 2.85 20.79
CA GLU A 281 -4.78 2.57 21.64
C GLU A 281 -6.00 2.19 20.80
N GLN A 282 -5.86 2.31 19.49
CA GLN A 282 -6.93 1.95 18.57
C GLN A 282 -6.30 1.03 17.52
N PRO A 283 -7.11 0.42 16.65
CA PRO A 283 -6.48 -0.51 15.71
C PRO A 283 -5.32 0.08 14.86
N VAL A 284 -4.32 -0.76 14.68
CA VAL A 284 -3.21 -0.49 13.78
C VAL A 284 -3.47 -1.01 12.36
N ASN A 285 -3.66 -0.11 11.40
CA ASN A 285 -4.01 -0.49 10.03
C ASN A 285 -2.83 -0.85 9.14
N GLY A 286 -1.66 -0.23 9.36
CA GLY A 286 -0.54 -0.52 8.48
C GLY A 286 0.84 -0.54 9.09
N VAL A 287 1.76 -1.26 8.47
CA VAL A 287 3.15 -1.20 8.94
C VAL A 287 4.17 -1.15 7.78
N ALA A 288 5.15 -0.25 7.87
CA ALA A 288 6.20 -0.13 6.84
C ALA A 288 7.63 -0.05 7.40
N PHE A 289 8.51 -0.91 6.90
CA PHE A 289 9.93 -0.84 7.20
C PHE A 289 10.64 0.19 6.32
N ASN A 290 11.50 1.02 6.91
CA ASN A 290 12.28 1.97 6.11
C ASN A 290 13.36 1.26 5.28
N PRO A 291 13.37 1.52 3.96
CA PRO A 291 14.21 0.76 3.03
C PRO A 291 15.69 1.14 3.08
N PHE A 292 16.05 2.10 3.93
CA PHE A 292 17.42 2.58 4.09
C PHE A 292 17.90 2.39 5.52
N ASN A 293 16.98 2.51 6.46
CA ASN A 293 17.28 2.39 7.88
C ASN A 293 16.75 1.13 8.49
N ASP A 294 17.62 0.20 8.82
CA ASP A 294 17.18 -1.12 9.19
C ASP A 294 16.30 -1.18 10.40
N TYR A 295 16.49 -0.27 11.33
CA TYR A 295 15.73 -0.29 12.55
C TYR A 295 14.55 0.67 12.60
N LEU A 296 14.32 1.43 11.56
CA LEU A 296 13.28 2.41 11.63
C LEU A 296 12.04 1.85 10.95
N LEU A 297 10.88 1.99 11.58
CA LEU A 297 9.63 1.53 10.98
C LEU A 297 8.44 2.39 11.37
N ALA A 298 7.31 2.19 10.71
CA ALA A 298 6.16 3.05 10.94
C ALA A 298 4.88 2.24 11.06
N THR A 299 3.94 2.75 11.85
CA THR A 299 2.62 2.14 11.93
C THR A 299 1.54 3.18 11.69
N ALA A 300 0.59 2.84 10.84
CA ALA A 300 -0.61 3.66 10.60
C ALA A 300 -1.79 3.10 11.40
N SER A 301 -2.59 3.98 12.00
CA SER A 301 -3.60 3.54 12.94
C SER A 301 -4.90 4.33 12.90
N ALA A 302 -5.97 3.69 13.39
CA ALA A 302 -7.30 4.30 13.46
C ALA A 302 -7.40 5.44 14.45
N ASP A 303 -6.32 5.71 15.19
CA ASP A 303 -6.21 6.89 16.07
C ASP A 303 -5.97 8.21 15.32
N HIS A 304 -5.92 8.13 13.98
CA HIS A 304 -5.67 9.25 13.08
C HIS A 304 -4.20 9.64 12.95
N THR A 305 -3.28 8.84 13.49
CA THR A 305 -1.87 9.25 13.50
C THR A 305 -0.96 8.18 12.94
N VAL A 306 0.29 8.53 12.65
CA VAL A 306 1.27 7.50 12.30
C VAL A 306 2.38 7.52 13.33
N ALA A 307 2.69 6.37 13.90
CA ALA A 307 3.78 6.32 14.86
C ALA A 307 5.06 5.87 14.18
N LEU A 308 6.20 6.40 14.62
CA LEU A 308 7.48 5.87 14.17
C LEU A 308 8.25 5.20 15.30
N TRP A 309 8.99 4.15 14.93
CA TRP A 309 9.57 3.23 15.88
C TRP A 309 11.01 2.89 15.56
N ASP A 310 11.83 2.86 16.59
CA ASP A 310 13.11 2.21 16.51
C ASP A 310 12.90 0.76 16.92
N LEU A 311 13.46 -0.15 16.12
CA LEU A 311 13.26 -1.58 16.28
C LEU A 311 13.74 -2.13 17.63
N ARG A 312 14.84 -1.59 18.14
CA ARG A 312 15.43 -2.16 19.33
C ARG A 312 14.90 -1.46 20.59
N ARG A 313 14.05 -0.45 20.42
CA ARG A 313 13.30 0.14 21.54
C ARG A 313 11.81 0.32 21.20
N LEU A 314 11.10 -0.81 21.04
CA LEU A 314 9.68 -0.75 20.70
C LEU A 314 8.80 -0.34 21.89
N ASN A 315 9.42 -0.11 23.03
CA ASN A 315 8.69 0.26 24.24
C ASN A 315 8.45 1.78 24.38
N GLN A 316 9.21 2.59 23.66
CA GLN A 316 8.91 4.01 23.66
C GLN A 316 9.05 4.56 22.24
N ARG A 317 7.89 4.81 21.65
CA ARG A 317 7.71 5.40 20.32
C ARG A 317 8.62 6.64 20.09
N LEU A 318 9.28 6.73 18.93
CA LEU A 318 10.18 7.87 18.59
C LEU A 318 9.44 9.16 18.35
N HIS A 319 8.35 9.08 17.61
CA HIS A 319 7.69 10.29 17.13
C HIS A 319 6.29 9.97 16.60
N THR A 320 5.44 10.98 16.56
CA THR A 320 4.07 10.83 16.12
C THR A 320 3.70 11.85 15.05
N LEU A 321 3.27 11.35 13.89
CA LEU A 321 2.82 12.19 12.80
C LEU A 321 1.32 12.39 12.89
N GLU A 322 0.91 13.57 13.33
CA GLU A 322 -0.50 13.93 13.37
C GLU A 322 -0.89 14.60 12.07
N GLY A 323 -2.13 15.06 11.92
CA GLY A 323 -2.46 15.82 10.74
C GLY A 323 -3.50 15.17 9.84
N HIS A 324 -3.79 13.89 10.05
CA HIS A 324 -4.94 13.28 9.41
C HIS A 324 -6.12 13.43 10.35
N GLU A 325 -7.33 13.55 9.81
CA GLU A 325 -8.49 13.77 10.65
C GLU A 325 -9.44 12.58 10.65
N ASP A 326 -8.96 11.46 10.13
CA ASP A 326 -9.70 10.20 10.20
C ASP A 326 -8.70 9.07 10.22
N GLU A 327 -9.18 7.84 10.27
CA GLU A 327 -8.30 6.67 10.32
C GLU A 327 -7.21 6.71 9.25
N VAL A 328 -5.99 6.43 9.65
CA VAL A 328 -4.91 6.36 8.71
C VAL A 328 -4.79 4.92 8.28
N TYR A 329 -5.19 4.56 7.06
CA TYR A 329 -5.12 3.16 6.68
C TYR A 329 -3.70 2.85 6.21
N ASN A 330 -3.11 3.70 5.37
CA ASN A 330 -1.89 3.15 4.76
C ASN A 330 -0.64 4.03 4.86
N VAL A 331 0.51 3.36 4.86
CA VAL A 331 1.78 4.05 5.07
C VAL A 331 2.86 3.39 4.21
N GLN A 332 3.62 4.20 3.47
CA GLN A 332 4.64 3.67 2.54
C GLN A 332 5.87 4.57 2.47
N TRP A 333 7.06 3.96 2.53
CA TRP A 333 8.31 4.71 2.45
C TRP A 333 8.73 4.96 1.00
N SER A 334 9.18 6.18 0.72
CA SER A 334 9.86 6.45 -0.55
C SER A 334 11.02 5.49 -0.71
N PRO A 335 11.15 4.89 -1.89
CA PRO A 335 12.27 3.99 -2.21
C PRO A 335 13.48 4.76 -2.67
N HIS A 336 13.34 6.08 -2.66
CA HIS A 336 14.38 6.98 -3.15
C HIS A 336 15.03 7.81 -2.03
N ASP A 337 14.24 8.24 -1.05
CA ASP A 337 14.75 9.11 0.01
C ASP A 337 14.27 8.72 1.39
N GLU A 338 15.23 8.37 2.24
CA GLU A 338 14.94 7.84 3.57
C GLU A 338 14.05 8.75 4.45
N PRO A 339 14.22 10.08 4.40
CA PRO A 339 13.28 10.80 5.28
C PRO A 339 11.86 10.97 4.71
N ILE A 340 11.58 10.38 3.56
CA ILE A 340 10.30 10.62 2.90
C ILE A 340 9.31 9.45 3.00
N LEU A 341 8.08 9.75 3.41
CA LEU A 341 7.06 8.70 3.46
C LEU A 341 5.66 9.25 3.17
N VAL A 342 4.69 8.36 3.00
CA VAL A 342 3.36 8.76 2.58
C VAL A 342 2.25 7.98 3.31
N THR A 343 1.20 8.71 3.65
CA THR A 343 0.11 8.20 4.44
C THR A 343 -1.21 8.54 3.80
N SER A 344 -2.08 7.56 3.72
CA SER A 344 -3.43 7.86 3.29
C SER A 344 -4.45 7.44 4.31
N SER A 345 -5.63 8.06 4.17
CA SER A 345 -6.63 8.01 5.19
C SER A 345 -8.07 8.06 4.69
N THR A 346 -8.97 7.89 5.65
CA THR A 346 -10.41 7.97 5.45
C THR A 346 -10.85 9.42 5.30
N ASP A 347 -9.94 10.35 5.58
CA ASP A 347 -10.24 11.77 5.41
C ASP A 347 -10.01 12.18 3.95
N ARG A 348 -9.84 11.18 3.10
CA ARG A 348 -9.70 11.34 1.64
C ARG A 348 -8.42 12.07 1.24
N ARG A 349 -7.51 12.22 2.18
CA ARG A 349 -6.28 12.94 1.93
C ARG A 349 -5.12 11.99 1.77
N VAL A 350 -4.12 12.39 1.00
CA VAL A 350 -2.86 11.67 1.00
C VAL A 350 -1.78 12.64 1.45
N CYS A 351 -1.02 12.27 2.47
CA CYS A 351 0.01 13.14 3.00
C CYS A 351 1.41 12.61 2.72
N VAL A 352 2.25 13.51 2.21
CA VAL A 352 3.67 13.26 2.04
C VAL A 352 4.39 13.97 3.17
N TRP A 353 5.25 13.20 3.85
CA TRP A 353 5.98 13.58 5.05
C TRP A 353 7.48 13.55 4.82
N ASP A 354 8.12 14.63 5.25
CA ASP A 354 9.56 14.73 5.20
C ASP A 354 10.01 14.81 6.62
N LEU A 355 10.87 13.90 6.99
CA LEU A 355 11.25 13.76 8.37
C LEU A 355 12.51 14.52 8.69
N SER A 356 13.10 15.13 7.69
CA SER A 356 14.24 15.98 7.87
C SER A 356 13.79 17.16 8.67
N LYS A 357 12.57 17.59 8.42
CA LYS A 357 12.10 18.86 8.88
C LYS A 357 11.55 18.81 10.28
N ILE A 358 11.76 17.70 10.96
CA ILE A 358 11.45 17.61 12.37
C ILE A 358 12.46 18.39 13.18
N GLY A 359 12.10 18.77 14.39
CA GLY A 359 12.99 19.50 15.28
C GLY A 359 13.39 20.81 14.62
N GLU A 360 12.45 21.31 13.86
CA GLU A 360 12.58 22.47 13.02
C GLU A 360 11.47 23.36 13.51
N GLU A 361 11.66 24.66 13.42
CA GLU A 361 10.70 25.60 13.98
C GLU A 361 10.26 26.58 12.94
N GLN A 362 9.07 27.12 13.10
CA GLN A 362 8.55 28.06 12.12
C GLN A 362 7.44 28.97 12.62
N THR A 363 7.00 29.86 11.76
CA THR A 363 6.11 30.92 12.12
C THR A 363 4.80 30.33 12.57
N VAL A 364 4.06 31.09 13.36
CA VAL A 364 2.79 30.64 13.85
C VAL A 364 1.83 30.41 12.71
N GLU A 365 1.81 31.34 11.77
CA GLU A 365 0.99 31.13 10.56
C GLU A 365 1.10 29.74 9.94
N ASP A 366 2.27 29.13 10.04
CA ASP A 366 2.46 27.79 9.52
C ASP A 366 2.07 26.71 10.52
N SER A 367 2.36 26.96 11.79
CA SER A 367 1.85 26.12 12.86
C SER A 367 0.34 25.92 12.70
N GLU A 368 -0.38 26.95 12.26
CA GLU A 368 -1.80 26.78 11.96
C GLU A 368 -2.04 25.63 10.97
N ASP A 369 -1.03 25.30 10.18
CA ASP A 369 -1.24 24.46 9.00
C ASP A 369 -0.75 23.05 9.15
N GLY A 370 0.11 22.84 10.15
CA GLY A 370 0.55 21.50 10.47
C GLY A 370 1.95 21.50 11.03
N ALA A 371 2.53 20.31 11.05
CA ALA A 371 3.88 20.10 11.56
C ALA A 371 4.87 20.56 10.50
N PRO A 372 6.13 20.79 10.92
CA PRO A 372 7.17 21.18 9.96
C PRO A 372 7.56 20.05 8.98
N GLU A 373 6.99 18.87 9.20
CA GLU A 373 7.43 17.65 8.55
C GLU A 373 6.43 17.25 7.47
N LEU A 374 5.22 17.80 7.60
CA LEU A 374 4.18 17.66 6.60
C LEU A 374 4.60 18.44 5.36
N MET A 375 4.91 17.74 4.28
CA MET A 375 5.36 18.41 3.07
C MET A 375 4.25 18.66 2.06
N PHE A 376 3.39 17.67 1.87
CA PHE A 376 2.41 17.79 0.78
C PHE A 376 1.10 17.07 1.06
N MET A 377 -0.02 17.73 0.81
CA MET A 377 -1.26 17.01 0.96
C MET A 377 -2.03 17.00 -0.33
N HIS A 378 -2.14 15.81 -0.91
CA HIS A 378 -2.89 15.55 -2.11
C HIS A 378 -4.34 15.58 -1.74
N GLY A 379 -5.13 16.34 -2.47
CA GLY A 379 -6.56 16.48 -2.22
C GLY A 379 -7.38 15.96 -3.35
N GLY A 380 -6.72 15.17 -4.19
CA GLY A 380 -7.22 14.71 -5.46
C GLY A 380 -8.31 13.68 -5.38
N HIS A 381 -8.51 13.14 -4.19
CA HIS A 381 -9.46 12.09 -4.02
C HIS A 381 -10.72 12.60 -3.37
N THR A 382 -11.84 12.14 -3.89
CA THR A 382 -13.16 12.56 -3.40
C THR A 382 -13.85 11.48 -2.57
N ASN A 383 -13.06 10.56 -2.01
CA ASN A 383 -13.55 9.50 -1.13
C ASN A 383 -12.35 8.90 -0.40
N ARG A 384 -12.61 8.05 0.61
CA ARG A 384 -11.53 7.42 1.39
C ARG A 384 -10.54 6.71 0.47
N VAL A 385 -9.28 6.61 0.87
CA VAL A 385 -8.27 6.11 -0.05
C VAL A 385 -7.87 4.67 0.28
N SER A 386 -7.93 3.80 -0.74
CA SER A 386 -7.77 2.36 -0.58
C SER A 386 -6.32 1.89 -0.49
N ASP A 387 -5.50 2.33 -1.45
CA ASP A 387 -4.11 1.90 -1.53
C ASP A 387 -3.29 2.96 -2.28
N LEU A 388 -1.96 2.91 -2.05
CA LEU A 388 -0.98 3.82 -2.62
C LEU A 388 0.18 3.03 -3.18
N SER A 389 0.96 3.66 -4.06
CA SER A 389 2.23 3.08 -4.44
C SER A 389 3.22 4.11 -4.95
N TRP A 390 4.40 4.15 -4.32
CA TRP A 390 5.52 4.94 -4.84
C TRP A 390 5.96 4.31 -6.16
N ASN A 391 6.19 5.16 -7.17
CA ASN A 391 6.83 4.77 -8.41
C ASN A 391 8.34 4.68 -8.19
N PRO A 392 8.91 3.48 -8.41
CA PRO A 392 10.34 3.22 -8.22
C PRO A 392 11.21 3.58 -9.43
N ASN A 393 10.56 3.93 -10.53
CA ASN A 393 11.24 4.27 -11.77
C ASN A 393 11.42 5.77 -11.86
N ASN A 394 10.40 6.50 -11.44
CA ASN A 394 10.42 7.96 -11.46
C ASN A 394 10.28 8.55 -10.07
N LYS A 395 11.30 9.32 -9.67
CA LYS A 395 11.30 10.06 -8.41
C LYS A 395 10.06 10.94 -8.27
N TRP A 396 9.44 10.90 -7.10
CA TRP A 396 8.28 11.75 -6.78
C TRP A 396 7.04 11.56 -7.64
N VAL A 397 6.78 10.30 -8.04
CA VAL A 397 5.53 9.94 -8.71
C VAL A 397 4.77 8.90 -7.88
N LEU A 398 3.47 9.12 -7.70
CA LEU A 398 2.62 8.26 -6.85
C LEU A 398 1.31 7.83 -7.52
N ALA A 399 0.92 6.58 -7.27
CA ALA A 399 -0.41 6.13 -7.64
C ALA A 399 -1.27 6.02 -6.40
N SER A 400 -2.53 6.44 -6.50
CA SER A 400 -3.45 6.27 -5.38
C SER A 400 -4.86 5.88 -5.85
N LEU A 401 -5.54 5.08 -5.02
CA LEU A 401 -6.87 4.52 -5.30
C LEU A 401 -7.93 5.01 -4.32
N ALA A 402 -9.08 5.46 -4.83
CA ALA A 402 -10.18 5.80 -3.93
C ALA A 402 -11.35 4.83 -4.08
N ASP A 403 -12.24 4.83 -3.09
CA ASP A 403 -13.32 3.85 -3.02
C ASP A 403 -14.48 4.15 -3.95
N ASP A 404 -14.41 5.29 -4.61
CA ASP A 404 -15.42 5.65 -5.59
C ASP A 404 -14.90 5.50 -7.02
N ASN A 405 -14.06 4.47 -7.23
CA ASN A 405 -13.62 4.05 -8.56
C ASN A 405 -12.53 4.89 -9.23
N ILE A 406 -11.97 5.88 -8.53
CA ILE A 406 -10.96 6.72 -9.15
C ILE A 406 -9.55 6.20 -8.94
N LEU A 407 -8.80 6.10 -10.03
CA LEU A 407 -7.36 5.90 -9.94
C LEU A 407 -6.69 7.23 -10.29
N GLN A 408 -5.63 7.58 -9.54
CA GLN A 408 -4.91 8.80 -9.85
C GLN A 408 -3.42 8.55 -9.88
N ILE A 409 -2.76 9.03 -10.92
CA ILE A 409 -1.31 9.01 -10.95
C ILE A 409 -0.81 10.44 -10.94
N TRP A 410 -0.20 10.85 -9.82
CA TRP A 410 0.16 12.25 -9.62
C TRP A 410 1.58 12.45 -9.11
N SER A 411 2.04 13.69 -9.17
CA SER A 411 3.40 14.04 -8.77
C SER A 411 3.43 15.49 -8.29
N PRO A 412 3.85 15.70 -7.03
CA PRO A 412 3.89 17.05 -6.46
C PRO A 412 4.96 17.93 -7.15
N SER A 413 4.62 19.17 -7.48
CA SER A 413 5.55 20.10 -8.17
C SER A 413 6.98 20.10 -7.60
N LYS A 414 7.97 20.28 -8.49
CA LYS A 414 9.37 20.18 -8.10
C LYS A 414 9.76 21.30 -7.14
N VAL A 415 9.01 22.41 -7.23
CA VAL A 415 9.09 23.48 -6.26
C VAL A 415 9.16 22.96 -4.82
N ILE A 416 8.20 22.11 -4.48
CA ILE A 416 7.92 21.68 -3.11
C ILE A 416 8.89 20.63 -2.56
N TRP A 417 9.51 19.85 -3.43
CA TRP A 417 10.32 18.75 -2.90
C TRP A 417 11.84 18.93 -3.03
N ALA A 418 12.31 19.66 -4.02
CA ALA A 418 13.75 19.87 -4.17
C ALA A 418 14.22 21.14 -3.47
N SER A 419 15.14 20.98 -2.52
CA SER A 419 15.83 22.13 -1.92
C SER A 419 17.18 21.71 -1.37
N ILE B 30 0.70 33.34 -8.30
CA ILE B 30 1.10 32.86 -6.98
C ILE B 30 2.59 32.55 -6.99
N THR B 31 3.17 32.45 -5.80
CA THR B 31 4.62 32.42 -5.67
C THR B 31 5.13 31.31 -4.76
N LYS B 32 6.39 30.91 -4.95
CA LYS B 32 6.95 29.73 -4.29
C LYS B 32 6.59 29.52 -2.81
N PRO B 33 6.72 30.56 -1.95
CA PRO B 33 6.30 30.31 -0.58
C PRO B 33 4.82 29.95 -0.49
N ALA B 34 3.97 30.80 -1.06
CA ALA B 34 2.53 30.60 -1.07
C ALA B 34 2.17 29.24 -1.67
N ILE B 35 2.94 28.81 -2.68
CA ILE B 35 2.79 27.46 -3.23
C ILE B 35 3.09 26.40 -2.14
N ARG B 36 4.24 26.55 -1.46
CA ARG B 36 4.69 25.54 -0.51
C ARG B 36 3.77 25.41 0.70
N ARG B 37 3.01 26.47 1.00
CA ARG B 37 2.00 26.39 2.07
C ARG B 37 0.66 25.88 1.56
N LEU B 38 0.34 26.22 0.30
CA LEU B 38 -0.86 25.70 -0.35
C LEU B 38 -0.79 24.17 -0.40
N ALA B 39 0.42 23.66 -0.56
CA ALA B 39 0.68 22.23 -0.49
C ALA B 39 0.32 21.63 0.86
N ARG B 40 0.22 22.48 1.87
CA ARG B 40 0.03 22.00 3.24
C ARG B 40 -1.35 22.30 3.77
N ARG B 41 -2.11 23.13 3.05
CA ARG B 41 -3.52 23.32 3.43
C ARG B 41 -4.50 22.45 2.65
N GLY B 42 -4.11 22.02 1.45
CA GLY B 42 -4.97 21.19 0.62
C GLY B 42 -6.31 21.82 0.23
#